data_3RRF
#
_entry.id   3RRF
#
_cell.length_a   122.407
_cell.length_b   122.407
_cell.length_c   155.672
_cell.angle_alpha   90.000
_cell.angle_beta   90.000
_cell.angle_gamma   90.000
#
_symmetry.space_group_name_H-M   'I 4 2 2'
#
loop_
_entity.id
_entity.type
_entity.pdbx_description
1 polymer 'Bifunctional NAD(P)H-hydrate repair enzyme Nnr'
2 polymer peptide
3 non-polymer 'POTASSIUM ION'
4 non-polymer 'MAGNESIUM ION'
5 non-polymer "ADENOSINE-5'-TRIPHOSPHATE"
6 non-polymer GLYCEROL
7 water water
#
loop_
_entity_poly.entity_id
_entity_poly.type
_entity_poly.pdbx_seq_one_letter_code
_entity_poly.pdbx_strand_id
1 'polypeptide(L)'
;MGSDKIHHHHHHMKEIDELTIKEYGVDSRILMERAGISVVLAMEEELGNLSDYRFLVLCGGGNNGGDGFVVARNLLGVVK
DVLVVFLGKKKTPDCEYNYGLYKKFGGKVVEQFEPSILNEFDVVVDAIFGTGLRGEITGEYAEIINLVNKSGKVVVSVDV
PSGIDSNTGKVLRTAVKADLTVTFGVPKIGHILFPGRDLTGKLKVANIGHPVHLINSINRYVITREMVRSLLPERPRDSH
KGTYGKVLIIAGSRLYSGAPVLSGMGSLKVGTGLVKLAVPFPQNLIATSRFPELISVPIDTEKGFFSLQNLQECLELSKD
VDVVAIGPGLGNNEHVREFVNEFLKTLEKPAVIDADAINVLDTSVLKERKSPAVLTPHPGEMARLVKKTVGDVKYNYELA
EEFAKENDCVLVLKSATTIVTDGEKTLFNITGNTGLSKGGSGDVLTGMIAGFIAQGLSPLEASTVSVYLHGFAAELFEQD
ERGLTASELLRLIPEAIRRLKE
;
A
2 'polypeptide(L)' AAWLFEA B
#
# COMPACT_ATOMS: atom_id res chain seq x y z
N MET A 13 2.01 -18.65 1.47
CA MET A 13 2.81 -18.99 0.27
C MET A 13 3.75 -20.18 0.46
N LYS A 14 4.62 -20.20 1.48
CA LYS A 14 5.38 -21.45 1.73
C LYS A 14 4.37 -22.56 2.01
N GLU A 15 3.24 -22.18 2.60
CA GLU A 15 2.03 -23.02 2.68
C GLU A 15 1.55 -23.43 1.31
N ILE A 16 1.62 -22.50 0.38
CA ILE A 16 1.09 -22.70 -0.97
C ILE A 16 2.03 -23.59 -1.78
N ASP A 17 3.34 -23.46 -1.57
CA ASP A 17 4.30 -24.42 -2.07
C ASP A 17 4.04 -25.82 -1.47
N GLU A 18 3.84 -25.86 -0.15
CA GLU A 18 3.65 -27.11 0.56
C GLU A 18 2.45 -27.87 0.02
N LEU A 19 1.32 -27.18 -0.13
CA LEU A 19 0.12 -27.81 -0.62
C LEU A 19 0.29 -28.28 -2.06
N THR A 20 0.93 -27.45 -2.88
CA THR A 20 1.08 -27.74 -4.28
C THR A 20 1.96 -29.01 -4.45
N ILE A 21 2.95 -29.17 -3.57
CA ILE A 21 3.80 -30.37 -3.61
C ILE A 21 3.03 -31.56 -2.99
N LYS A 22 2.60 -31.42 -1.75
CA LYS A 22 2.11 -32.60 -1.02
C LYS A 22 0.67 -33.00 -1.38
N GLU A 23 -0.19 -32.03 -1.68
CA GLU A 23 -1.59 -32.36 -2.00
C GLU A 23 -1.80 -32.46 -3.49
N TYR A 24 -1.30 -31.52 -4.27
CA TYR A 24 -1.54 -31.56 -5.72
C TYR A 24 -0.56 -32.46 -6.44
N GLY A 25 0.57 -32.77 -5.83
CA GLY A 25 1.51 -33.72 -6.41
C GLY A 25 2.56 -33.17 -7.35
N VAL A 26 2.73 -31.85 -7.38
CA VAL A 26 3.78 -31.25 -8.19
C VAL A 26 5.12 -31.47 -7.51
N ASP A 27 6.05 -32.12 -8.19
CA ASP A 27 7.43 -32.29 -7.67
C ASP A 27 8.07 -30.93 -7.33
N SER A 28 8.70 -30.86 -6.14
CA SER A 28 9.33 -29.62 -5.68
C SER A 28 10.39 -29.16 -6.69
N ARG A 29 11.02 -30.10 -7.35
CA ARG A 29 12.00 -29.77 -8.37
C ARG A 29 11.41 -29.06 -9.57
N ILE A 30 10.17 -29.37 -9.91
CA ILE A 30 9.45 -28.72 -11.02
C ILE A 30 9.11 -27.25 -10.66
N LEU A 31 8.68 -26.99 -9.42
CA LEU A 31 8.45 -25.64 -8.94
C LEU A 31 9.77 -24.84 -8.99
N MET A 32 10.86 -25.48 -8.60
CA MET A 32 12.13 -24.77 -8.51
C MET A 32 12.64 -24.46 -9.97
N GLU A 33 12.48 -25.39 -10.88
CA GLU A 33 12.85 -25.14 -12.29
C GLU A 33 12.05 -23.99 -12.86
N ARG A 34 10.74 -24.04 -12.65
CA ARG A 34 9.86 -22.95 -13.10
C ARG A 34 10.24 -21.60 -12.48
N ALA A 35 10.59 -21.59 -11.17
CA ALA A 35 11.04 -20.34 -10.52
C ALA A 35 12.27 -19.80 -11.23
N GLY A 36 13.26 -20.66 -11.43
CA GLY A 36 14.52 -20.20 -12.01
C GLY A 36 14.37 -19.67 -13.44
N ILE A 37 13.63 -20.38 -14.27
CA ILE A 37 13.46 -19.91 -15.62
C ILE A 37 12.68 -18.60 -15.66
N SER A 38 11.76 -18.39 -14.72
CA SER A 38 11.04 -17.09 -14.63
C SER A 38 12.00 -15.96 -14.45
N VAL A 39 13.02 -16.21 -13.63
CA VAL A 39 14.04 -15.17 -13.39
C VAL A 39 14.79 -14.86 -14.69
N VAL A 40 15.12 -15.90 -15.46
CA VAL A 40 15.86 -15.68 -16.70
C VAL A 40 14.99 -14.87 -17.67
N LEU A 41 13.74 -15.26 -17.86
CA LEU A 41 12.80 -14.51 -18.75
C LEU A 41 12.55 -13.08 -18.33
N ALA A 42 12.45 -12.88 -17.02
CA ALA A 42 12.25 -11.56 -16.44
C ALA A 42 13.47 -10.67 -16.77
N MET A 43 14.67 -11.26 -16.66
CA MET A 43 15.89 -10.48 -16.88
C MET A 43 16.03 -10.09 -18.35
N GLU A 44 15.65 -11.01 -19.22
CA GLU A 44 15.66 -10.74 -20.65
C GLU A 44 14.68 -9.59 -21.05
N GLU A 45 13.49 -9.61 -20.48
CA GLU A 45 12.49 -8.55 -20.62
C GLU A 45 13.01 -7.20 -20.15
N GLU A 46 13.78 -7.16 -19.07
CA GLU A 46 14.36 -5.93 -18.56
C GLU A 46 15.72 -5.53 -19.18
N LEU A 47 16.63 -6.45 -19.45
CA LEU A 47 17.95 -6.10 -20.01
C LEU A 47 18.07 -6.25 -21.54
N GLY A 48 17.07 -6.86 -22.16
CA GLY A 48 17.17 -7.18 -23.57
C GLY A 48 17.97 -8.47 -23.68
N ASN A 49 18.64 -8.65 -24.79
CA ASN A 49 19.45 -9.82 -25.00
C ASN A 49 20.53 -10.04 -23.94
N LEU A 50 20.55 -11.23 -23.33
CA LEU A 50 21.46 -11.51 -22.23
C LEU A 50 22.86 -11.96 -22.72
N SER A 51 23.04 -12.14 -24.00
CA SER A 51 24.23 -12.84 -24.42
C SER A 51 25.51 -12.03 -24.20
N ASP A 52 25.43 -10.70 -24.15
CA ASP A 52 26.62 -9.90 -23.88
C ASP A 52 26.94 -9.64 -22.41
N TYR A 53 26.20 -10.23 -21.45
CA TYR A 53 26.42 -9.89 -20.03
C TYR A 53 27.14 -11.01 -19.28
N ARG A 54 27.92 -10.63 -18.28
CA ARG A 54 28.54 -11.59 -17.39
C ARG A 54 27.76 -11.62 -16.06
N PHE A 55 27.36 -12.81 -15.62
CA PHE A 55 26.53 -12.99 -14.40
C PHE A 55 27.24 -13.60 -13.19
N LEU A 56 27.11 -12.91 -12.07
CA LEU A 56 27.55 -13.39 -10.75
C LEU A 56 26.31 -13.76 -9.97
N VAL A 57 26.19 -15.04 -9.68
CA VAL A 57 25.02 -15.57 -8.99
C VAL A 57 25.47 -15.96 -7.58
N LEU A 58 24.85 -15.30 -6.60
CA LEU A 58 25.16 -15.53 -5.20
C LEU A 58 24.07 -16.43 -4.62
N CYS A 59 24.47 -17.63 -4.16
CA CYS A 59 23.52 -18.65 -3.74
C CYS A 59 23.72 -19.02 -2.31
N GLY A 60 22.61 -18.96 -1.56
CA GLY A 60 22.60 -19.50 -0.19
C GLY A 60 22.38 -21.00 -0.29
N GLY A 61 22.37 -21.62 0.86
CA GLY A 61 22.16 -23.05 0.91
C GLY A 61 20.73 -23.53 0.90
N GLY A 62 19.75 -22.62 0.79
CA GLY A 62 18.35 -23.02 0.88
C GLY A 62 17.66 -23.06 -0.46
N ASN A 63 16.34 -22.98 -0.44
CA ASN A 63 15.60 -23.04 -1.68
C ASN A 63 15.77 -21.79 -2.56
N ASN A 64 16.04 -20.65 -1.96
CA ASN A 64 16.31 -19.47 -2.73
C ASN A 64 17.60 -19.74 -3.52
N GLY A 65 18.61 -20.26 -2.84
CA GLY A 65 19.86 -20.64 -3.53
C GLY A 65 19.65 -21.66 -4.63
N GLY A 66 18.78 -22.62 -4.38
CA GLY A 66 18.47 -23.63 -5.37
C GLY A 66 17.90 -22.94 -6.61
N ASP A 67 17.02 -21.98 -6.39
CA ASP A 67 16.49 -21.21 -7.48
C ASP A 67 17.65 -20.55 -8.23
N GLY A 68 18.61 -20.00 -7.50
CA GLY A 68 19.81 -19.44 -8.11
C GLY A 68 20.62 -20.42 -8.98
N PHE A 69 20.80 -21.65 -8.51
CA PHE A 69 21.51 -22.65 -9.31
C PHE A 69 20.77 -22.95 -10.61
N VAL A 70 19.44 -22.94 -10.57
CA VAL A 70 18.64 -23.09 -11.80
C VAL A 70 18.93 -21.94 -12.75
N VAL A 71 18.93 -20.71 -12.21
CA VAL A 71 19.24 -19.56 -13.04
C VAL A 71 20.61 -19.73 -13.70
N ALA A 72 21.62 -20.04 -12.89
CA ALA A 72 22.99 -20.12 -13.36
C ALA A 72 23.07 -21.19 -14.43
N ARG A 73 22.48 -22.35 -14.16
CA ARG A 73 22.57 -23.42 -15.11
C ARG A 73 21.90 -23.05 -16.44
N ASN A 74 20.73 -22.45 -16.40
CA ASN A 74 20.05 -22.04 -17.63
C ASN A 74 20.79 -20.90 -18.41
N LEU A 75 21.69 -20.13 -17.77
CA LEU A 75 22.50 -19.15 -18.49
C LEU A 75 23.76 -19.77 -19.13
N LEU A 76 24.14 -20.98 -18.73
CA LEU A 76 25.40 -21.55 -19.22
C LEU A 76 25.35 -21.69 -20.74
N GLY A 77 26.47 -21.34 -21.39
CA GLY A 77 26.62 -21.47 -22.83
C GLY A 77 25.82 -20.46 -23.65
N VAL A 78 25.05 -19.62 -23.00
CA VAL A 78 24.22 -18.65 -23.68
C VAL A 78 24.59 -17.19 -23.37
N VAL A 79 25.34 -16.93 -22.30
CA VAL A 79 25.78 -15.58 -21.96
C VAL A 79 27.32 -15.56 -21.93
N LYS A 80 27.92 -14.40 -21.75
CA LYS A 80 29.36 -14.28 -21.79
C LYS A 80 30.10 -15.04 -20.69
N ASP A 81 29.56 -15.06 -19.48
CA ASP A 81 30.21 -15.73 -18.35
C ASP A 81 29.16 -15.84 -17.22
N VAL A 82 29.21 -16.96 -16.51
CA VAL A 82 28.44 -17.16 -15.29
C VAL A 82 29.41 -17.69 -14.26
N LEU A 83 29.33 -17.17 -13.04
CA LEU A 83 30.03 -17.74 -11.89
C LEU A 83 29.05 -17.76 -10.71
N VAL A 84 29.00 -18.86 -9.97
CA VAL A 84 28.23 -18.93 -8.75
C VAL A 84 29.19 -18.81 -7.56
N VAL A 85 28.88 -17.93 -6.62
CA VAL A 85 29.51 -17.96 -5.30
C VAL A 85 28.53 -18.62 -4.34
N PHE A 86 28.90 -19.81 -3.84
CA PHE A 86 28.05 -20.52 -2.92
C PHE A 86 28.43 -20.09 -1.49
N LEU A 87 27.49 -19.48 -0.79
CA LEU A 87 27.76 -18.79 0.47
C LEU A 87 27.29 -19.56 1.67
N GLY A 88 26.47 -20.58 1.46
CA GLY A 88 25.99 -21.40 2.56
C GLY A 88 26.96 -22.42 3.10
N LYS A 89 26.50 -23.15 4.11
CA LYS A 89 27.22 -24.30 4.64
C LYS A 89 26.57 -25.51 3.97
N LYS A 90 25.47 -26.01 4.50
CA LYS A 90 24.78 -27.18 3.92
C LYS A 90 23.80 -26.73 2.84
N LYS A 91 23.31 -27.70 2.07
CA LYS A 91 22.39 -27.45 0.99
C LYS A 91 21.13 -28.25 1.23
N THR A 92 19.95 -27.66 1.08
CA THR A 92 18.72 -28.45 1.11
C THR A 92 18.70 -29.40 -0.12
N PRO A 93 17.83 -30.40 -0.08
CA PRO A 93 17.86 -31.40 -1.15
C PRO A 93 17.65 -30.83 -2.57
N ASP A 94 16.76 -29.86 -2.72
CA ASP A 94 16.56 -29.27 -4.05
C ASP A 94 17.69 -28.38 -4.45
N CYS A 95 18.28 -27.66 -3.49
CA CYS A 95 19.47 -26.86 -3.77
C CYS A 95 20.62 -27.78 -4.20
N GLU A 96 20.79 -28.88 -3.46
CA GLU A 96 21.84 -29.84 -3.76
C GLU A 96 21.64 -30.44 -5.18
N TYR A 97 20.40 -30.79 -5.52
CA TYR A 97 20.10 -31.36 -6.84
C TYR A 97 20.45 -30.37 -7.95
N ASN A 98 20.07 -29.11 -7.77
CA ASN A 98 20.33 -28.08 -8.78
C ASN A 98 21.80 -27.63 -8.88
N TYR A 99 22.51 -27.70 -7.75
CA TYR A 99 23.96 -27.53 -7.70
C TYR A 99 24.61 -28.61 -8.52
N GLY A 100 24.20 -29.84 -8.28
CA GLY A 100 24.67 -30.99 -9.05
C GLY A 100 24.42 -30.81 -10.54
N LEU A 101 23.25 -30.33 -10.93
CA LEU A 101 23.00 -30.06 -12.37
C LEU A 101 23.91 -28.97 -12.94
N TYR A 102 24.06 -27.88 -12.18
CA TYR A 102 24.91 -26.75 -12.59
C TYR A 102 26.29 -27.25 -12.89
N LYS A 103 26.85 -28.06 -12.00
CA LYS A 103 28.20 -28.60 -12.22
C LYS A 103 28.28 -29.64 -13.36
N LYS A 104 27.30 -30.53 -13.48
CA LYS A 104 27.24 -31.50 -14.57
C LYS A 104 27.17 -30.73 -15.89
N PHE A 105 26.48 -29.58 -15.90
CA PHE A 105 26.40 -28.76 -17.12
C PHE A 105 27.70 -27.99 -17.41
N GLY A 106 28.69 -28.10 -16.53
CA GLY A 106 30.01 -27.46 -16.73
C GLY A 106 30.13 -26.10 -16.02
N GLY A 107 29.31 -25.87 -15.03
CA GLY A 107 29.29 -24.55 -14.38
C GLY A 107 30.32 -24.40 -13.29
N LYS A 108 30.78 -23.18 -13.06
CA LYS A 108 31.83 -22.94 -12.05
C LYS A 108 31.23 -22.36 -10.76
N VAL A 109 31.63 -22.96 -9.64
CA VAL A 109 31.23 -22.52 -8.29
C VAL A 109 32.46 -22.22 -7.50
N VAL A 110 32.48 -21.12 -6.78
CA VAL A 110 33.50 -20.91 -5.77
C VAL A 110 32.75 -20.73 -4.47
N GLU A 111 33.45 -20.95 -3.34
CA GLU A 111 32.91 -20.75 -1.98
C GLU A 111 33.53 -19.59 -1.26
N GLN A 112 34.55 -18.96 -1.82
CA GLN A 112 35.12 -17.76 -1.22
C GLN A 112 34.79 -16.58 -2.12
N PHE A 113 34.45 -15.47 -1.45
CA PHE A 113 34.04 -14.24 -2.09
C PHE A 113 35.20 -13.30 -1.93
N GLU A 114 35.62 -12.68 -3.02
CA GLU A 114 36.73 -11.75 -2.95
C GLU A 114 36.22 -10.36 -3.38
N PRO A 115 36.40 -9.31 -2.54
CA PRO A 115 35.91 -7.95 -2.82
C PRO A 115 36.02 -7.49 -4.28
N SER A 116 37.15 -7.80 -4.92
CA SER A 116 37.35 -7.52 -6.35
C SER A 116 36.57 -8.40 -7.33
N ILE A 117 35.80 -9.36 -6.84
CA ILE A 117 35.10 -10.28 -7.73
C ILE A 117 34.01 -9.57 -8.52
N LEU A 118 33.39 -8.56 -7.93
CA LEU A 118 32.34 -7.81 -8.62
C LEU A 118 32.85 -7.20 -9.92
N ASN A 119 34.12 -6.78 -9.92
CA ASN A 119 34.75 -6.16 -11.09
C ASN A 119 34.59 -6.86 -12.44
N GLU A 120 34.57 -8.20 -12.46
CA GLU A 120 34.50 -8.94 -13.74
C GLU A 120 33.07 -9.32 -14.20
N PHE A 121 32.05 -8.78 -13.53
CA PHE A 121 30.67 -9.15 -13.82
C PHE A 121 29.80 -7.92 -14.00
N ASP A 122 28.72 -8.06 -14.76
CA ASP A 122 27.82 -6.96 -15.09
C ASP A 122 26.53 -7.03 -14.27
N VAL A 123 26.09 -8.25 -13.98
CA VAL A 123 24.82 -8.49 -13.34
C VAL A 123 25.09 -9.44 -12.18
N VAL A 124 24.53 -9.10 -11.01
CA VAL A 124 24.51 -9.90 -9.80
C VAL A 124 23.10 -10.43 -9.59
N VAL A 125 22.98 -11.75 -9.49
CA VAL A 125 21.74 -12.40 -9.20
C VAL A 125 21.83 -12.73 -7.73
N ASP A 126 20.94 -12.14 -6.92
CA ASP A 126 20.93 -12.33 -5.46
C ASP A 126 19.94 -13.44 -5.09
N ALA A 127 20.48 -14.63 -4.88
CA ALA A 127 19.74 -15.79 -4.44
C ALA A 127 20.25 -16.24 -3.08
N ILE A 128 20.56 -15.30 -2.19
CA ILE A 128 21.11 -15.68 -0.88
C ILE A 128 20.02 -16.17 0.07
N PHE A 129 19.07 -15.28 0.38
CA PHE A 129 17.95 -15.61 1.27
C PHE A 129 16.62 -15.20 0.61
N GLY A 130 15.63 -16.05 0.77
CA GLY A 130 14.27 -15.67 0.34
C GLY A 130 13.40 -15.43 1.55
N THR A 131 12.30 -16.15 1.60
CA THR A 131 11.37 -16.00 2.72
C THR A 131 11.80 -16.78 3.95
N GLY A 132 12.92 -17.49 3.86
CA GLY A 132 13.48 -18.27 4.99
C GLY A 132 14.51 -17.53 5.83
N LEU A 133 14.65 -16.23 5.59
CA LEU A 133 15.51 -15.37 6.41
C LEU A 133 15.01 -15.39 7.84
N ARG A 134 15.89 -15.73 8.79
CA ARG A 134 15.56 -15.65 10.20
C ARG A 134 16.66 -14.83 10.93
N GLY A 135 16.28 -13.70 11.51
CA GLY A 135 17.22 -12.88 12.24
C GLY A 135 18.12 -12.00 11.42
N GLU A 136 18.84 -11.14 12.15
CA GLU A 136 19.74 -10.16 11.56
C GLU A 136 20.80 -10.87 10.70
N ILE A 137 21.12 -10.25 9.55
CA ILE A 137 22.24 -10.71 8.69
C ILE A 137 23.58 -10.13 9.18
N THR A 138 24.54 -11.01 9.44
CA THR A 138 25.90 -10.63 9.84
C THR A 138 26.98 -11.43 9.09
N GLY A 139 28.23 -11.16 9.44
CA GLY A 139 29.35 -11.97 8.99
C GLY A 139 29.65 -11.67 7.55
N GLU A 140 30.03 -12.72 6.81
CA GLU A 140 30.28 -12.69 5.38
C GLU A 140 29.03 -12.43 4.60
N TYR A 141 27.88 -12.77 5.16
CA TYR A 141 26.63 -12.47 4.47
C TYR A 141 26.48 -10.95 4.32
N ALA A 142 26.61 -10.25 5.45
CA ALA A 142 26.54 -8.78 5.50
C ALA A 142 27.60 -8.14 4.62
N GLU A 143 28.84 -8.62 4.75
CA GLU A 143 29.97 -8.00 4.05
C GLU A 143 29.72 -8.08 2.57
N ILE A 144 29.21 -9.21 2.13
CA ILE A 144 28.95 -9.44 0.73
C ILE A 144 27.79 -8.57 0.21
N ILE A 145 26.69 -8.52 0.96
CA ILE A 145 25.56 -7.64 0.62
C ILE A 145 26.00 -6.17 0.55
N ASN A 146 26.84 -5.73 1.49
CA ASN A 146 27.31 -4.35 1.49
C ASN A 146 28.18 -4.04 0.25
N LEU A 147 29.02 -5.00 -0.14
CA LEU A 147 29.82 -4.91 -1.37
C LEU A 147 28.97 -4.85 -2.63
N VAL A 148 27.96 -5.70 -2.74
CA VAL A 148 27.03 -5.66 -3.85
C VAL A 148 26.35 -4.28 -3.89
N ASN A 149 25.90 -3.80 -2.73
CA ASN A 149 25.26 -2.47 -2.67
C ASN A 149 26.17 -1.31 -3.05
N LYS A 150 27.48 -1.46 -2.94
CA LYS A 150 28.41 -0.41 -3.35
C LYS A 150 28.88 -0.59 -4.77
N SER A 151 28.48 -1.64 -5.45
CA SER A 151 29.17 -2.04 -6.66
C SER A 151 28.72 -1.26 -7.90
N GLY A 152 27.49 -0.74 -7.89
CA GLY A 152 26.89 -0.17 -9.10
C GLY A 152 26.49 -1.14 -10.20
N LYS A 153 26.58 -2.45 -9.97
CA LYS A 153 26.13 -3.40 -10.94
C LYS A 153 24.61 -3.46 -10.95
N VAL A 154 24.07 -4.07 -11.99
CA VAL A 154 22.65 -4.40 -12.05
C VAL A 154 22.39 -5.56 -11.10
N VAL A 155 21.40 -5.40 -10.24
CA VAL A 155 21.09 -6.42 -9.21
C VAL A 155 19.69 -6.95 -9.37
N VAL A 156 19.58 -8.27 -9.52
CA VAL A 156 18.31 -8.96 -9.71
C VAL A 156 18.17 -9.86 -8.50
N SER A 157 17.12 -9.63 -7.70
CA SER A 157 16.85 -10.48 -6.56
C SER A 157 15.83 -11.59 -6.85
N VAL A 158 16.16 -12.78 -6.38
CA VAL A 158 15.28 -13.91 -6.49
C VAL A 158 14.34 -13.91 -5.28
N ASP A 159 13.05 -13.83 -5.58
CA ASP A 159 11.93 -13.88 -4.61
C ASP A 159 11.75 -12.59 -3.76
N VAL A 160 12.73 -12.28 -2.94
CA VAL A 160 12.77 -11.05 -2.16
C VAL A 160 14.22 -10.63 -2.03
N PRO A 161 14.49 -9.34 -2.02
CA PRO A 161 15.88 -8.93 -1.78
C PRO A 161 16.36 -9.49 -0.44
N SER A 162 17.52 -10.16 -0.43
CA SER A 162 18.03 -10.82 0.77
C SER A 162 18.25 -9.81 1.88
N GLY A 163 17.73 -10.10 3.07
CA GLY A 163 17.74 -9.15 4.16
C GLY A 163 16.40 -8.46 4.44
N ILE A 164 15.48 -8.49 3.49
CA ILE A 164 14.12 -8.04 3.78
C ILE A 164 13.32 -9.18 4.40
N ASP A 165 12.67 -8.92 5.53
CA ASP A 165 11.68 -9.85 6.12
C ASP A 165 10.41 -9.75 5.28
N SER A 166 10.03 -10.85 4.68
CA SER A 166 8.99 -10.84 3.69
C SER A 166 7.60 -10.70 4.30
N ASN A 167 7.50 -10.82 5.62
CA ASN A 167 6.26 -10.59 6.36
C ASN A 167 6.02 -9.16 6.76
N THR A 168 7.04 -8.34 6.85
CA THR A 168 6.88 -7.00 7.38
C THR A 168 7.50 -5.91 6.49
N GLY A 169 8.51 -6.26 5.70
CA GLY A 169 9.18 -5.27 4.89
C GLY A 169 10.34 -4.57 5.59
N LYS A 170 10.62 -5.01 6.79
CA LYS A 170 11.75 -4.48 7.56
C LYS A 170 13.08 -5.05 7.10
N VAL A 171 14.12 -4.26 7.27
CA VAL A 171 15.49 -4.68 6.94
C VAL A 171 16.07 -5.35 8.17
N LEU A 172 16.64 -6.55 8.00
CA LEU A 172 17.24 -7.28 9.11
C LEU A 172 18.76 -7.03 9.09
N ARG A 173 19.13 -5.91 9.69
CA ARG A 173 20.46 -5.33 9.72
C ARG A 173 20.95 -4.80 8.38
N THR A 174 21.01 -5.64 7.37
CA THR A 174 21.36 -5.15 6.07
C THR A 174 20.61 -5.93 5.01
N ALA A 175 20.41 -5.31 3.87
CA ALA A 175 19.65 -5.93 2.77
C ALA A 175 20.10 -5.44 1.42
N VAL A 176 19.97 -6.31 0.42
CA VAL A 176 20.25 -6.00 -0.96
C VAL A 176 19.32 -4.95 -1.51
N LYS A 177 19.86 -3.96 -2.22
CA LYS A 177 19.03 -3.05 -2.96
C LYS A 177 18.98 -3.55 -4.40
N ALA A 178 17.83 -4.01 -4.85
CA ALA A 178 17.67 -4.63 -6.20
C ALA A 178 17.17 -3.61 -7.22
N ASP A 179 17.62 -3.75 -8.46
CA ASP A 179 16.95 -3.08 -9.63
C ASP A 179 15.69 -3.82 -10.06
N LEU A 180 15.71 -5.15 -9.92
CA LEU A 180 14.60 -6.00 -10.32
C LEU A 180 14.46 -7.13 -9.31
N THR A 181 13.24 -7.38 -8.84
CA THR A 181 12.93 -8.55 -8.03
C THR A 181 11.89 -9.40 -8.71
N VAL A 182 12.19 -10.70 -8.80
CA VAL A 182 11.25 -11.62 -9.36
C VAL A 182 10.72 -12.51 -8.28
N THR A 183 9.43 -12.40 -7.99
CA THR A 183 8.83 -13.19 -6.94
C THR A 183 7.86 -14.20 -7.51
N PHE A 184 7.42 -15.16 -6.72
CA PHE A 184 6.69 -16.32 -7.30
C PHE A 184 5.25 -16.40 -6.78
N GLY A 185 4.29 -16.51 -7.68
CA GLY A 185 2.91 -16.66 -7.23
C GLY A 185 2.16 -15.38 -6.89
N VAL A 186 2.58 -14.70 -5.83
CA VAL A 186 1.90 -13.48 -5.38
C VAL A 186 2.96 -12.58 -4.78
N PRO A 187 2.75 -11.25 -4.80
CA PRO A 187 3.66 -10.37 -4.09
C PRO A 187 3.64 -10.66 -2.57
N LYS A 188 4.76 -10.50 -1.91
CA LYS A 188 4.82 -10.65 -0.45
C LYS A 188 4.69 -9.32 0.23
N ILE A 189 4.28 -9.34 1.49
CA ILE A 189 4.08 -8.11 2.23
C ILE A 189 5.36 -7.25 2.24
N GLY A 190 6.51 -7.90 2.29
CA GLY A 190 7.80 -7.23 2.24
C GLY A 190 8.17 -6.51 0.96
N HIS A 191 7.50 -6.80 -0.13
CA HIS A 191 7.64 -6.00 -1.38
C HIS A 191 6.75 -4.75 -1.35
N ILE A 192 5.76 -4.74 -0.46
CA ILE A 192 4.66 -3.77 -0.47
C ILE A 192 4.87 -2.68 0.59
N LEU A 193 5.41 -3.05 1.76
CA LEU A 193 5.68 -2.11 2.80
C LEU A 193 7.14 -1.66 2.78
N PHE A 194 7.37 -0.42 3.21
CA PHE A 194 8.73 0.15 3.23
C PHE A 194 9.36 -0.26 4.53
N PRO A 195 10.70 -0.40 4.57
CA PRO A 195 11.63 -0.10 3.46
C PRO A 195 11.71 -1.12 2.33
N GLY A 196 11.18 -2.31 2.54
CA GLY A 196 11.32 -3.40 1.59
C GLY A 196 10.82 -3.00 0.19
N ARG A 197 9.74 -2.24 0.12
CA ARG A 197 9.21 -1.78 -1.14
C ARG A 197 10.25 -1.00 -1.93
N ASP A 198 11.04 -0.22 -1.25
CA ASP A 198 12.08 0.55 -1.90
C ASP A 198 13.24 -0.36 -2.40
N LEU A 199 13.56 -1.37 -1.65
CA LEU A 199 14.72 -2.22 -1.94
C LEU A 199 14.47 -3.27 -3.06
N THR A 200 13.20 -3.52 -3.32
CA THR A 200 12.69 -4.46 -4.31
C THR A 200 12.95 -3.96 -5.71
N GLY A 201 12.92 -2.63 -5.88
CA GLY A 201 13.07 -2.05 -7.19
C GLY A 201 11.83 -2.49 -7.98
N LYS A 202 12.02 -2.77 -9.26
CA LYS A 202 10.88 -3.18 -10.06
C LYS A 202 10.47 -4.62 -9.74
N LEU A 203 9.18 -4.85 -9.45
CA LEU A 203 8.71 -6.17 -9.04
C LEU A 203 7.98 -6.86 -10.17
N LYS A 204 8.43 -8.07 -10.52
CA LYS A 204 7.67 -8.93 -11.41
C LYS A 204 7.16 -10.12 -10.59
N VAL A 205 5.89 -10.49 -10.80
CA VAL A 205 5.28 -11.66 -10.15
C VAL A 205 5.05 -12.77 -11.16
N ALA A 206 5.77 -13.88 -10.98
CA ALA A 206 5.79 -14.97 -11.93
C ALA A 206 4.88 -16.10 -11.49
N ASN A 207 4.19 -16.65 -12.47
CA ASN A 207 3.41 -17.85 -12.30
C ASN A 207 4.40 -19.04 -12.42
N ILE A 208 4.58 -19.77 -11.32
CA ILE A 208 5.45 -20.97 -11.34
C ILE A 208 4.73 -22.30 -11.25
N GLY A 209 3.41 -22.24 -11.39
CA GLY A 209 2.58 -23.42 -11.59
C GLY A 209 1.73 -23.78 -10.41
N HIS A 210 1.65 -22.93 -9.37
CA HIS A 210 0.62 -23.12 -8.31
C HIS A 210 -0.81 -23.14 -8.87
N PRO A 211 -1.67 -24.03 -8.34
CA PRO A 211 -3.06 -23.99 -8.78
C PRO A 211 -3.65 -22.61 -8.54
N VAL A 212 -4.43 -22.14 -9.49
CA VAL A 212 -4.98 -20.79 -9.37
C VAL A 212 -5.82 -20.61 -8.09
N HIS A 213 -6.53 -21.67 -7.69
CA HIS A 213 -7.32 -21.69 -6.46
C HIS A 213 -6.53 -21.28 -5.23
N LEU A 214 -5.29 -21.74 -5.13
CA LEU A 214 -4.46 -21.40 -4.00
C LEU A 214 -3.94 -19.97 -4.07
N ILE A 215 -3.61 -19.48 -5.27
CA ILE A 215 -3.18 -18.10 -5.44
C ILE A 215 -4.29 -17.14 -5.04
N ASN A 216 -5.53 -17.45 -5.39
CA ASN A 216 -6.67 -16.56 -5.11
C ASN A 216 -7.15 -16.64 -3.67
N SER A 217 -6.65 -17.58 -2.89
CA SER A 217 -7.13 -17.75 -1.54
C SER A 217 -6.44 -16.77 -0.58
N ILE A 218 -5.43 -16.04 -1.04
CA ILE A 218 -4.74 -15.10 -0.18
C ILE A 218 -5.70 -14.00 0.28
N ASN A 219 -5.64 -13.65 1.55
CA ASN A 219 -6.56 -12.67 2.14
C ASN A 219 -6.05 -11.23 2.20
N ARG A 220 -4.83 -11.00 1.76
CA ARG A 220 -4.28 -9.65 1.76
C ARG A 220 -3.90 -9.30 0.33
N TYR A 221 -4.40 -8.17 -0.16
CA TYR A 221 -4.28 -7.80 -1.56
C TYR A 221 -3.72 -6.42 -1.79
N VAL A 222 -3.09 -6.25 -2.94
CA VAL A 222 -2.66 -4.97 -3.40
C VAL A 222 -3.81 -4.43 -4.23
N ILE A 223 -4.20 -3.18 -4.01
CA ILE A 223 -5.29 -2.61 -4.77
C ILE A 223 -4.81 -2.35 -6.19
N THR A 224 -5.53 -2.86 -7.17
CA THR A 224 -5.15 -2.73 -8.56
C THR A 224 -6.17 -1.92 -9.35
N ARG A 225 -5.73 -1.47 -10.50
CA ARG A 225 -6.52 -0.70 -11.38
C ARG A 225 -7.81 -1.46 -11.74
N GLU A 226 -7.72 -2.77 -11.90
CA GLU A 226 -8.88 -3.53 -12.36
C GLU A 226 -9.87 -3.66 -11.21
N MET A 227 -9.37 -3.86 -10.01
CA MET A 227 -10.21 -3.88 -8.85
C MET A 227 -11.01 -2.53 -8.68
N VAL A 228 -10.33 -1.41 -8.88
CA VAL A 228 -10.94 -0.11 -8.67
C VAL A 228 -11.91 0.16 -9.81
N ARG A 229 -11.53 -0.22 -11.03
CA ARG A 229 -12.43 -0.07 -12.16
C ARG A 229 -13.72 -0.81 -11.91
N SER A 230 -13.64 -2.03 -11.41
CA SER A 230 -14.86 -2.78 -11.25
C SER A 230 -15.71 -2.31 -10.06
N LEU A 231 -15.12 -1.57 -9.12
CA LEU A 231 -15.85 -0.98 -7.99
C LEU A 231 -16.49 0.38 -8.25
N LEU A 232 -16.08 1.07 -9.28
CA LEU A 232 -16.60 2.41 -9.54
C LEU A 232 -18.10 2.34 -9.76
N PRO A 233 -18.84 3.24 -9.14
CA PRO A 233 -20.29 3.21 -9.27
C PRO A 233 -20.76 3.59 -10.67
N GLU A 234 -21.90 3.06 -11.06
CA GLU A 234 -22.50 3.33 -12.34
C GLU A 234 -23.09 4.72 -12.39
N ARG A 235 -23.16 5.31 -13.57
CA ARG A 235 -23.80 6.59 -13.73
C ARG A 235 -24.93 6.41 -14.74
N PRO A 236 -26.09 6.01 -14.26
CA PRO A 236 -27.22 5.81 -15.17
C PRO A 236 -27.61 7.14 -15.79
N ARG A 237 -27.88 7.15 -17.07
CA ARG A 237 -28.26 8.39 -17.75
C ARG A 237 -29.48 9.11 -17.17
N ASP A 238 -30.50 8.37 -16.78
CA ASP A 238 -31.68 8.99 -16.19
C ASP A 238 -31.46 9.16 -14.71
N SER A 239 -30.76 10.19 -14.32
CA SER A 239 -30.37 10.34 -12.95
C SER A 239 -30.50 11.82 -12.59
N HIS A 240 -30.32 12.09 -11.32
CA HIS A 240 -30.34 13.47 -10.83
C HIS A 240 -29.45 13.47 -9.60
N LYS A 241 -29.28 14.64 -8.99
CA LYS A 241 -28.26 14.74 -8.01
C LYS A 241 -28.49 13.78 -6.82
N GLY A 242 -29.75 13.61 -6.43
CA GLY A 242 -30.12 12.68 -5.42
C GLY A 242 -29.68 11.25 -5.71
N THR A 243 -29.67 10.84 -6.97
CA THR A 243 -29.04 9.55 -7.33
C THR A 243 -27.64 9.35 -6.76
N TYR A 244 -26.85 10.44 -6.73
CA TYR A 244 -25.45 10.36 -6.39
C TYR A 244 -25.15 10.74 -4.93
N GLY A 245 -26.18 10.75 -4.09
CA GLY A 245 -26.01 11.00 -2.66
C GLY A 245 -25.67 12.43 -2.19
N LYS A 246 -25.71 12.56 -0.86
CA LYS A 246 -25.54 13.80 -0.16
C LYS A 246 -24.57 13.57 1.00
N VAL A 247 -23.59 14.46 1.13
CA VAL A 247 -22.57 14.45 2.17
C VAL A 247 -22.70 15.71 3.04
N LEU A 248 -22.56 15.54 4.36
CA LEU A 248 -22.34 16.67 5.29
C LEU A 248 -20.91 16.55 5.80
N ILE A 249 -20.17 17.63 5.69
CA ILE A 249 -18.83 17.75 6.28
C ILE A 249 -18.87 18.76 7.42
N ILE A 250 -18.56 18.27 8.61
CA ILE A 250 -18.46 19.05 9.81
C ILE A 250 -16.97 19.23 10.02
N ALA A 251 -16.51 20.47 9.89
CA ALA A 251 -15.09 20.73 9.73
C ALA A 251 -14.76 22.20 10.01
N GLY A 252 -13.48 22.48 10.30
CA GLY A 252 -12.96 23.83 10.37
C GLY A 252 -13.18 24.52 11.69
N SER A 253 -12.62 25.71 11.79
CA SER A 253 -12.52 26.48 12.98
C SER A 253 -11.93 27.81 12.59
N ARG A 254 -11.83 28.72 13.56
CA ARG A 254 -11.24 30.03 13.34
C ARG A 254 -9.74 29.88 12.99
N LEU A 255 -9.08 28.86 13.55
CA LEU A 255 -7.69 28.53 13.23
C LEU A 255 -7.50 27.86 11.88
N TYR A 256 -8.38 26.93 11.54
CA TYR A 256 -8.21 26.10 10.32
C TYR A 256 -9.41 26.28 9.38
N SER A 257 -9.38 27.33 8.56
CA SER A 257 -10.49 27.66 7.68
C SER A 257 -10.45 26.95 6.34
N GLY A 258 -9.31 26.42 5.95
CA GLY A 258 -9.17 25.80 4.62
C GLY A 258 -9.61 24.34 4.49
N ALA A 259 -9.47 23.59 5.58
CA ALA A 259 -9.76 22.18 5.56
C ALA A 259 -11.16 21.82 4.99
N PRO A 260 -12.24 22.55 5.38
CA PRO A 260 -13.58 22.19 4.87
C PRO A 260 -13.72 22.21 3.35
N VAL A 261 -13.02 23.14 2.73
CA VAL A 261 -13.10 23.43 1.33
C VAL A 261 -12.49 22.23 0.58
N LEU A 262 -11.35 21.76 1.06
CA LEU A 262 -10.67 20.67 0.42
C LEU A 262 -11.46 19.38 0.58
N SER A 263 -12.02 19.14 1.76
CA SER A 263 -12.86 17.93 1.95
C SER A 263 -14.09 17.99 1.08
N GLY A 264 -14.77 19.13 1.06
CA GLY A 264 -16.01 19.24 0.31
C GLY A 264 -15.79 19.03 -1.20
N MET A 265 -14.76 19.66 -1.74
CA MET A 265 -14.46 19.46 -3.16
C MET A 265 -13.99 18.07 -3.47
N GLY A 266 -13.40 17.41 -2.49
CA GLY A 266 -13.00 16.02 -2.68
C GLY A 266 -14.23 15.15 -2.91
N SER A 267 -15.29 15.40 -2.16
CA SER A 267 -16.56 14.74 -2.42
C SER A 267 -17.16 15.07 -3.76
N LEU A 268 -17.16 16.35 -4.17
CA LEU A 268 -17.75 16.68 -5.45
C LEU A 268 -16.98 16.16 -6.65
N LYS A 269 -15.65 16.16 -6.60
CA LYS A 269 -14.83 15.71 -7.74
C LYS A 269 -14.94 14.22 -7.99
N VAL A 270 -15.38 13.42 -7.01
CA VAL A 270 -15.61 11.97 -7.25
C VAL A 270 -17.06 11.65 -7.67
N GLY A 271 -17.87 12.67 -7.87
CA GLY A 271 -19.23 12.42 -8.43
C GLY A 271 -20.42 12.52 -7.50
N THR A 272 -20.21 12.97 -6.29
CA THR A 272 -21.26 13.12 -5.31
C THR A 272 -22.26 14.18 -5.72
N GLY A 273 -23.53 13.95 -5.41
CA GLY A 273 -24.57 14.83 -5.90
C GLY A 273 -24.66 16.17 -5.18
N LEU A 274 -24.54 16.15 -3.86
CA LEU A 274 -24.67 17.37 -3.06
C LEU A 274 -23.75 17.30 -1.88
N VAL A 275 -23.04 18.41 -1.62
CA VAL A 275 -22.14 18.52 -0.47
C VAL A 275 -22.46 19.79 0.31
N LYS A 276 -22.70 19.57 1.60
CA LYS A 276 -22.96 20.62 2.57
C LYS A 276 -21.83 20.60 3.56
N LEU A 277 -21.26 21.76 3.81
CA LEU A 277 -20.30 21.94 4.91
C LEU A 277 -20.97 22.63 6.08
N ALA A 278 -20.58 22.26 7.29
CA ALA A 278 -20.93 23.01 8.49
C ALA A 278 -19.64 23.47 9.09
N VAL A 279 -19.46 24.79 9.12
CA VAL A 279 -18.22 25.44 9.44
C VAL A 279 -18.56 26.71 10.28
N PRO A 280 -17.75 27.01 11.30
CA PRO A 280 -17.98 28.21 12.11
C PRO A 280 -17.99 29.51 11.31
N PHE A 281 -18.97 30.37 11.57
CA PHE A 281 -19.05 31.68 10.95
C PHE A 281 -17.93 32.53 11.48
N PRO A 282 -17.27 33.33 10.62
CA PRO A 282 -17.46 33.58 9.17
C PRO A 282 -16.57 32.73 8.30
N GLN A 283 -15.91 31.74 8.90
CA GLN A 283 -14.98 30.89 8.13
C GLN A 283 -15.71 30.08 7.07
N ASN A 284 -17.01 29.83 7.27
CA ASN A 284 -17.81 29.14 6.26
C ASN A 284 -17.78 29.88 4.92
N LEU A 285 -17.63 31.19 4.96
CA LEU A 285 -17.68 32.00 3.72
C LEU A 285 -16.48 31.80 2.79
N ILE A 286 -15.39 31.32 3.36
CA ILE A 286 -14.21 30.96 2.65
C ILE A 286 -14.49 29.93 1.56
N ALA A 287 -15.33 28.93 1.87
CA ALA A 287 -15.55 27.84 0.94
C ALA A 287 -16.27 28.26 -0.32
N THR A 288 -17.28 29.09 -0.20
CA THR A 288 -18.08 29.45 -1.36
C THR A 288 -17.42 30.52 -2.18
N SER A 289 -16.50 31.29 -1.60
CA SER A 289 -15.80 32.25 -2.39
C SER A 289 -14.83 31.51 -3.33
N ARG A 290 -14.41 30.33 -2.98
CA ARG A 290 -13.47 29.58 -3.84
C ARG A 290 -14.25 28.64 -4.78
N PHE A 291 -15.27 27.96 -4.25
CA PHE A 291 -16.09 27.02 -4.98
C PHE A 291 -17.57 27.21 -4.62
N PRO A 292 -18.25 28.04 -5.41
CA PRO A 292 -19.61 28.41 -5.14
C PRO A 292 -20.62 27.30 -5.37
N GLU A 293 -20.17 26.16 -5.93
CA GLU A 293 -20.94 24.89 -5.97
C GLU A 293 -21.16 24.28 -4.61
N LEU A 294 -20.28 24.55 -3.67
CA LEU A 294 -20.44 24.01 -2.29
C LEU A 294 -21.56 24.75 -1.55
N ILE A 295 -22.23 24.08 -0.62
CA ILE A 295 -23.12 24.73 0.33
C ILE A 295 -22.32 24.80 1.64
N SER A 296 -22.13 25.99 2.16
CA SER A 296 -21.35 26.15 3.38
C SER A 296 -22.17 26.85 4.44
N VAL A 297 -22.72 26.06 5.35
CA VAL A 297 -23.63 26.54 6.37
C VAL A 297 -22.85 27.21 7.50
N PRO A 298 -23.29 28.41 7.91
CA PRO A 298 -22.57 29.12 8.96
C PRO A 298 -22.99 28.59 10.34
N ILE A 299 -22.05 28.24 11.19
CA ILE A 299 -22.39 27.72 12.48
C ILE A 299 -21.96 28.79 13.48
N ASP A 300 -22.90 29.18 14.32
CA ASP A 300 -22.62 30.27 15.26
C ASP A 300 -22.01 29.66 16.52
N THR A 301 -20.74 29.99 16.79
CA THR A 301 -19.97 29.40 17.87
C THR A 301 -19.61 30.50 18.82
N GLU A 302 -19.28 30.15 20.08
CA GLU A 302 -18.85 31.15 21.05
C GLU A 302 -17.48 31.74 20.75
N LYS A 303 -16.48 30.89 20.45
CA LYS A 303 -15.08 31.30 20.31
C LYS A 303 -14.41 30.75 19.04
N GLY A 304 -15.18 30.30 18.05
CA GLY A 304 -14.61 29.87 16.77
C GLY A 304 -14.42 28.37 16.62
N PHE A 305 -14.95 27.60 17.58
CA PHE A 305 -14.82 26.15 17.58
C PHE A 305 -16.18 25.52 17.86
N PHE A 306 -16.46 24.42 17.19
CA PHE A 306 -17.61 23.59 17.54
C PHE A 306 -17.61 23.23 19.04
N SER A 307 -18.79 23.25 19.67
CA SER A 307 -18.98 22.81 21.05
C SER A 307 -20.38 22.16 21.15
N LEU A 308 -20.73 21.67 22.34
CA LEU A 308 -22.06 21.10 22.57
C LEU A 308 -23.22 22.04 22.20
N GLN A 309 -23.05 23.35 22.34
CA GLN A 309 -24.03 24.30 21.80
C GLN A 309 -24.45 24.00 20.32
N ASN A 310 -23.58 23.36 19.53
CA ASN A 310 -23.89 23.12 18.13
C ASN A 310 -24.37 21.73 17.84
N LEU A 311 -24.52 20.90 18.90
CA LEU A 311 -24.87 19.48 18.75
C LEU A 311 -26.17 19.35 17.98
N GLN A 312 -27.17 20.12 18.40
CA GLN A 312 -28.49 19.92 17.86
C GLN A 312 -28.60 20.40 16.41
N GLU A 313 -28.00 21.53 16.09
CA GLU A 313 -28.00 21.96 14.66
C GLU A 313 -27.30 20.96 13.72
N CYS A 314 -26.19 20.39 14.19
CA CYS A 314 -25.48 19.43 13.39
C CYS A 314 -26.27 18.15 13.16
N LEU A 315 -27.03 17.69 14.16
CA LEU A 315 -27.83 16.49 14.03
C LEU A 315 -28.97 16.77 13.09
N GLU A 316 -29.54 17.97 13.14
CA GLU A 316 -30.62 18.33 12.19
C GLU A 316 -30.13 18.31 10.76
N LEU A 317 -28.97 18.94 10.53
CA LEU A 317 -28.34 18.94 9.24
C LEU A 317 -28.05 17.53 8.70
N SER A 318 -27.67 16.58 9.57
CA SER A 318 -27.35 15.21 9.22
C SER A 318 -28.53 14.37 8.76
N LYS A 319 -29.74 14.75 9.18
CA LYS A 319 -30.94 14.01 8.79
C LYS A 319 -31.18 13.92 7.26
N ASP A 320 -30.78 14.92 6.50
CA ASP A 320 -31.06 14.95 5.07
C ASP A 320 -29.84 14.52 4.26
N VAL A 321 -28.86 13.85 4.90
CA VAL A 321 -27.70 13.37 4.16
C VAL A 321 -27.54 11.88 4.30
N ASP A 322 -26.70 11.32 3.44
CA ASP A 322 -26.37 9.91 3.46
C ASP A 322 -25.15 9.58 4.28
N VAL A 323 -24.19 10.50 4.37
CA VAL A 323 -22.94 10.27 5.10
C VAL A 323 -22.51 11.58 5.73
N VAL A 324 -21.81 11.47 6.86
CA VAL A 324 -21.20 12.61 7.50
C VAL A 324 -19.69 12.40 7.65
N ALA A 325 -18.87 13.32 7.14
CA ALA A 325 -17.42 13.38 7.42
C ALA A 325 -17.23 14.40 8.55
N ILE A 326 -16.37 14.11 9.51
CA ILE A 326 -16.10 15.03 10.60
C ILE A 326 -14.61 15.04 10.94
N GLY A 327 -14.05 16.23 11.27
CA GLY A 327 -12.73 16.33 11.87
C GLY A 327 -11.68 17.25 11.31
N PRO A 328 -11.59 17.38 9.97
CA PRO A 328 -10.57 18.22 9.39
C PRO A 328 -10.72 19.63 9.94
N GLY A 329 -9.64 20.10 10.54
CA GLY A 329 -9.52 21.46 11.03
C GLY A 329 -10.44 21.82 12.20
N LEU A 330 -10.95 20.84 12.96
CA LEU A 330 -11.86 21.20 14.07
C LEU A 330 -11.14 21.85 15.22
N GLY A 331 -9.83 21.59 15.34
CA GLY A 331 -9.13 21.90 16.57
C GLY A 331 -9.32 20.79 17.61
N ASN A 332 -8.50 20.83 18.62
CA ASN A 332 -8.53 19.80 19.61
C ASN A 332 -8.46 20.47 20.97
N ASN A 333 -9.61 20.61 21.59
CA ASN A 333 -9.77 21.19 22.93
C ASN A 333 -11.01 20.49 23.49
N GLU A 334 -11.25 20.73 24.75
CA GLU A 334 -12.23 20.00 25.50
C GLU A 334 -13.66 20.07 24.96
N HIS A 335 -14.07 21.25 24.51
CA HIS A 335 -15.41 21.44 23.97
C HIS A 335 -15.62 20.74 22.63
N VAL A 336 -14.56 20.69 21.82
CA VAL A 336 -14.59 19.93 20.60
C VAL A 336 -14.68 18.42 20.93
N ARG A 337 -13.89 17.94 21.88
CA ARG A 337 -13.96 16.54 22.32
C ARG A 337 -15.38 16.20 22.71
N GLU A 338 -16.00 17.04 23.54
CA GLU A 338 -17.38 16.76 24.02
C GLU A 338 -18.38 16.70 22.86
N PHE A 339 -18.29 17.66 21.97
CA PHE A 339 -19.12 17.71 20.80
C PHE A 339 -18.94 16.50 19.87
N VAL A 340 -17.71 16.19 19.50
CA VAL A 340 -17.46 15.10 18.57
C VAL A 340 -18.04 13.77 19.09
N ASN A 341 -17.74 13.47 20.35
CA ASN A 341 -18.16 12.20 20.96
C ASN A 341 -19.69 12.12 21.15
N GLU A 342 -20.32 13.19 21.63
CA GLU A 342 -21.77 13.22 21.73
C GLU A 342 -22.45 13.16 20.34
N PHE A 343 -21.86 13.81 19.35
CA PHE A 343 -22.39 13.73 18.00
C PHE A 343 -22.36 12.32 17.45
N LEU A 344 -21.17 11.70 17.46
CA LEU A 344 -20.99 10.38 16.85
C LEU A 344 -21.84 9.33 17.58
N LYS A 345 -21.98 9.47 18.88
CA LYS A 345 -22.86 8.60 19.69
C LYS A 345 -24.31 8.66 19.27
N THR A 346 -24.78 9.82 18.82
CA THR A 346 -26.18 9.96 18.45
C THR A 346 -26.42 9.83 16.95
N LEU A 347 -25.41 10.12 16.13
CA LEU A 347 -25.58 10.06 14.69
C LEU A 347 -25.87 8.65 14.16
N GLU A 348 -27.02 8.49 13.50
CA GLU A 348 -27.36 7.19 12.88
C GLU A 348 -27.17 7.26 11.39
N LYS A 349 -25.94 7.61 10.98
CA LYS A 349 -25.53 7.64 9.61
C LYS A 349 -24.07 7.11 9.57
N PRO A 350 -23.64 6.56 8.42
CA PRO A 350 -22.22 6.31 8.25
C PRO A 350 -21.39 7.56 8.54
N ALA A 351 -20.25 7.39 9.20
CA ALA A 351 -19.37 8.50 9.56
C ALA A 351 -17.96 8.23 9.00
N VAL A 352 -17.34 9.27 8.45
CA VAL A 352 -15.94 9.24 8.11
C VAL A 352 -15.24 10.17 9.13
N ILE A 353 -14.33 9.60 9.91
CA ILE A 353 -13.80 10.27 11.12
C ILE A 353 -12.31 10.49 10.85
N ASP A 354 -11.88 11.76 10.80
CA ASP A 354 -10.54 12.14 10.40
C ASP A 354 -9.93 13.16 11.38
N ALA A 355 -8.60 13.22 11.35
CA ALA A 355 -7.82 14.34 11.86
C ALA A 355 -8.21 14.64 13.32
N ASP A 356 -8.65 15.86 13.59
CA ASP A 356 -8.96 16.23 14.98
C ASP A 356 -10.11 15.47 15.62
N ALA A 357 -11.09 15.01 14.85
CA ALA A 357 -12.11 14.11 15.38
C ALA A 357 -11.50 12.79 15.84
N ILE A 358 -10.44 12.31 15.19
CA ILE A 358 -9.70 11.12 15.72
C ILE A 358 -8.98 11.45 17.02
N ASN A 359 -8.31 12.59 17.05
CA ASN A 359 -7.51 12.99 18.24
C ASN A 359 -8.34 13.16 19.51
N VAL A 360 -9.64 13.45 19.39
CA VAL A 360 -10.47 13.51 20.57
C VAL A 360 -11.40 12.31 20.73
N LEU A 361 -11.39 11.36 19.79
CA LEU A 361 -12.34 10.26 19.80
C LEU A 361 -12.22 9.44 21.07
N ASP A 362 -13.36 9.14 21.67
CA ASP A 362 -13.47 8.10 22.71
C ASP A 362 -13.81 6.79 21.96
N THR A 363 -12.90 5.82 21.92
CA THR A 363 -13.16 4.62 21.10
C THR A 363 -14.36 3.78 21.58
N SER A 364 -14.79 3.96 22.82
CA SER A 364 -16.05 3.36 23.31
C SER A 364 -17.23 3.78 22.46
N VAL A 365 -17.23 5.01 21.99
CA VAL A 365 -18.27 5.47 21.10
C VAL A 365 -18.38 4.63 19.86
N LEU A 366 -17.25 4.26 19.26
CA LEU A 366 -17.29 3.40 18.07
C LEU A 366 -17.90 2.06 18.33
N LYS A 367 -17.62 1.46 19.49
CA LYS A 367 -18.22 0.17 19.82
C LYS A 367 -19.74 0.31 19.95
N GLU A 368 -20.24 1.42 20.47
CA GLU A 368 -21.68 1.45 20.73
C GLU A 368 -22.48 1.90 19.48
N ARG A 369 -21.83 2.48 18.46
CA ARG A 369 -22.55 2.94 17.27
C ARG A 369 -23.11 1.72 16.53
N LYS A 370 -24.37 1.82 16.09
CA LYS A 370 -24.96 0.81 15.20
C LYS A 370 -24.54 1.08 13.76
N SER A 371 -24.41 2.36 13.41
CA SER A 371 -24.02 2.73 12.05
C SER A 371 -22.51 2.54 11.79
N PRO A 372 -22.12 2.42 10.52
CA PRO A 372 -20.70 2.17 10.23
C PRO A 372 -19.82 3.41 10.35
N ALA A 373 -18.52 3.19 10.32
CA ALA A 373 -17.54 4.26 10.39
C ALA A 373 -16.31 3.87 9.61
N VAL A 374 -15.65 4.85 9.03
CA VAL A 374 -14.32 4.72 8.50
C VAL A 374 -13.45 5.72 9.30
N LEU A 375 -12.28 5.26 9.77
CA LEU A 375 -11.30 6.13 10.42
C LEU A 375 -10.11 6.24 9.52
N THR A 376 -9.58 7.45 9.37
CA THR A 376 -8.49 7.72 8.47
C THR A 376 -7.29 8.39 9.12
N PRO A 377 -6.66 7.76 10.11
CA PRO A 377 -5.48 8.37 10.72
C PRO A 377 -4.18 8.21 9.91
N HIS A 378 -3.26 9.18 10.02
CA HIS A 378 -1.84 8.93 9.75
C HIS A 378 -1.20 8.25 10.99
N PRO A 379 0.03 7.73 10.87
CA PRO A 379 0.56 6.99 12.04
C PRO A 379 0.67 7.76 13.38
N GLY A 380 0.89 9.07 13.33
CA GLY A 380 0.87 9.90 14.56
C GLY A 380 -0.49 9.89 15.23
N GLU A 381 -1.53 9.98 14.43
CA GLU A 381 -2.88 9.89 14.98
C GLU A 381 -3.23 8.49 15.49
N MET A 382 -2.86 7.47 14.72
CA MET A 382 -3.07 6.08 15.17
C MET A 382 -2.31 5.82 16.47
N ALA A 383 -1.08 6.27 16.54
CA ALA A 383 -0.27 6.10 17.73
C ALA A 383 -0.97 6.71 18.98
N ARG A 384 -1.42 7.96 18.90
CA ARG A 384 -2.19 8.59 20.02
C ARG A 384 -3.52 7.85 20.26
N LEU A 385 -4.19 7.39 19.22
CA LEU A 385 -5.46 6.69 19.43
C LEU A 385 -5.32 5.35 20.20
N VAL A 386 -4.27 4.55 19.95
CA VAL A 386 -4.09 3.27 20.67
C VAL A 386 -3.02 3.40 21.77
N LYS A 387 -2.50 4.59 21.99
CA LYS A 387 -1.53 4.83 23.08
C LYS A 387 -0.27 3.99 22.85
N LYS A 388 0.24 4.04 21.62
CA LYS A 388 1.52 3.41 21.31
C LYS A 388 2.46 4.43 20.65
N THR A 389 3.68 4.01 20.32
CA THR A 389 4.60 4.87 19.66
C THR A 389 4.28 4.76 18.18
N VAL A 390 4.66 5.78 17.43
CA VAL A 390 4.57 5.80 15.97
C VAL A 390 5.28 4.60 15.36
N GLY A 391 6.51 4.30 15.82
CA GLY A 391 7.30 3.14 15.37
C GLY A 391 6.61 1.80 15.54
N ASP A 392 5.75 1.67 16.55
CA ASP A 392 5.04 0.44 16.77
C ASP A 392 3.79 0.32 15.90
N VAL A 393 3.25 1.43 15.39
CA VAL A 393 2.02 1.34 14.64
C VAL A 393 2.28 1.46 13.14
N LYS A 394 3.39 2.09 12.75
CA LYS A 394 3.62 2.38 11.36
C LYS A 394 3.73 1.08 10.58
N TYR A 395 2.96 0.94 9.50
CA TYR A 395 2.95 -0.31 8.69
C TYR A 395 2.59 -1.58 9.46
N ASN A 396 2.00 -1.43 10.66
CA ASN A 396 1.62 -2.57 11.48
C ASN A 396 0.23 -3.04 11.03
N TYR A 397 0.15 -3.82 9.94
CA TYR A 397 -1.17 -4.21 9.43
C TYR A 397 -1.90 -5.12 10.43
N GLU A 398 -1.19 -5.89 11.24
CA GLU A 398 -1.92 -6.78 12.18
C GLU A 398 -2.61 -5.96 13.28
N LEU A 399 -1.96 -4.91 13.77
CA LEU A 399 -2.58 -3.98 14.68
C LEU A 399 -3.74 -3.28 14.06
N ALA A 400 -3.61 -2.82 12.83
CA ALA A 400 -4.74 -2.21 12.16
C ALA A 400 -5.96 -3.15 12.06
N GLU A 401 -5.72 -4.40 11.63
CA GLU A 401 -6.75 -5.41 11.55
C GLU A 401 -7.43 -5.63 12.92
N GLU A 402 -6.65 -5.82 13.98
CA GLU A 402 -7.23 -5.99 15.34
C GLU A 402 -8.12 -4.80 15.69
N PHE A 403 -7.62 -3.57 15.47
CA PHE A 403 -8.38 -2.39 15.83
C PHE A 403 -9.70 -2.37 15.02
N ALA A 404 -9.63 -2.67 13.71
CA ALA A 404 -10.85 -2.61 12.87
C ALA A 404 -11.90 -3.60 13.36
N LYS A 405 -11.43 -4.79 13.73
CA LYS A 405 -12.27 -5.89 14.15
C LYS A 405 -12.89 -5.58 15.52
N GLU A 406 -12.10 -5.15 16.49
CA GLU A 406 -12.62 -4.80 17.80
C GLU A 406 -13.61 -3.64 17.84
N ASN A 407 -13.43 -2.66 16.94
CA ASN A 407 -14.24 -1.44 16.98
C ASN A 407 -15.31 -1.40 15.89
N ASP A 408 -15.45 -2.49 15.15
CA ASP A 408 -16.44 -2.59 14.09
C ASP A 408 -16.34 -1.46 13.06
N CYS A 409 -15.13 -1.14 12.61
CA CYS A 409 -14.96 -0.06 11.64
C CYS A 409 -14.03 -0.44 10.48
N VAL A 410 -13.89 0.45 9.52
CA VAL A 410 -12.83 0.37 8.50
C VAL A 410 -11.77 1.33 8.97
N LEU A 411 -10.53 0.86 8.96
CA LEU A 411 -9.39 1.65 9.29
C LEU A 411 -8.58 1.87 8.07
N VAL A 412 -8.27 3.12 7.79
CA VAL A 412 -7.45 3.49 6.64
C VAL A 412 -6.23 4.13 7.29
N LEU A 413 -5.14 3.38 7.39
CA LEU A 413 -3.88 3.87 7.99
C LEU A 413 -2.97 4.39 6.88
N LYS A 414 -2.88 5.70 6.79
CA LYS A 414 -2.22 6.43 5.71
C LYS A 414 -0.71 6.41 5.84
N SER A 415 -0.02 6.19 4.73
CA SER A 415 1.43 6.33 4.65
C SER A 415 1.72 6.08 3.19
N ALA A 416 3.01 6.06 2.82
CA ALA A 416 3.38 5.93 1.42
C ALA A 416 2.73 4.67 0.84
N THR A 417 2.64 3.60 1.63
CA THR A 417 1.76 2.48 1.32
C THR A 417 0.66 2.61 2.36
N THR A 418 -0.58 2.70 1.91
CA THR A 418 -1.70 2.83 2.78
C THR A 418 -2.35 1.46 2.97
N ILE A 419 -2.71 1.18 4.21
CA ILE A 419 -3.38 -0.04 4.60
C ILE A 419 -4.87 0.25 4.83
N VAL A 420 -5.73 -0.57 4.24
CA VAL A 420 -7.18 -0.38 4.33
C VAL A 420 -7.70 -1.70 4.82
N THR A 421 -8.36 -1.73 5.99
CA THR A 421 -8.81 -3.02 6.51
C THR A 421 -10.13 -2.87 7.25
N ASP A 422 -10.96 -3.89 7.20
CA ASP A 422 -12.11 -4.03 8.09
C ASP A 422 -11.90 -5.12 9.12
N GLY A 423 -10.68 -5.67 9.21
CA GLY A 423 -10.42 -6.71 10.20
C GLY A 423 -10.46 -8.10 9.59
N GLU A 424 -11.09 -8.22 8.43
CA GLU A 424 -11.23 -9.52 7.76
C GLU A 424 -10.50 -9.50 6.44
N LYS A 425 -10.67 -8.41 5.70
CA LYS A 425 -10.02 -8.20 4.44
C LYS A 425 -9.05 -7.01 4.61
N THR A 426 -7.80 -7.16 4.18
CA THR A 426 -6.82 -6.09 4.18
C THR A 426 -6.28 -5.81 2.80
N LEU A 427 -6.30 -4.53 2.41
CA LEU A 427 -5.78 -4.11 1.11
C LEU A 427 -4.65 -3.10 1.26
N PHE A 428 -3.71 -3.11 0.31
CA PHE A 428 -2.54 -2.23 0.35
C PHE A 428 -2.57 -1.35 -0.88
N ASN A 429 -2.39 -0.05 -0.69
CA ASN A 429 -2.37 0.89 -1.79
C ASN A 429 -0.95 1.36 -2.07
N ILE A 430 -0.55 1.30 -3.33
CA ILE A 430 0.79 1.69 -3.72
C ILE A 430 0.82 2.82 -4.77
N THR A 431 -0.30 3.50 -5.01
CA THR A 431 -0.28 4.68 -5.87
C THR A 431 0.11 5.87 -5.05
N GLY A 432 0.54 6.94 -5.70
CA GLY A 432 0.87 8.18 -4.98
C GLY A 432 2.34 8.52 -5.11
N ASN A 433 2.71 9.69 -4.61
CA ASN A 433 4.11 10.09 -4.57
C ASN A 433 4.26 11.12 -3.45
N THR A 434 5.46 11.69 -3.32
CA THR A 434 5.74 12.62 -2.22
C THR A 434 5.06 13.99 -2.31
N GLY A 435 4.39 14.28 -3.41
CA GLY A 435 3.65 15.52 -3.44
C GLY A 435 2.46 15.50 -2.50
N LEU A 436 2.02 14.31 -2.07
CA LEU A 436 0.93 14.18 -1.09
C LEU A 436 1.42 14.38 0.34
N SER A 437 2.74 14.42 0.56
CA SER A 437 3.35 14.66 1.86
C SER A 437 3.33 16.15 2.16
N LYS A 438 2.13 16.69 2.28
CA LYS A 438 1.92 18.13 2.42
C LYS A 438 0.49 18.36 2.97
N GLY A 439 0.35 19.31 3.87
CA GLY A 439 -0.94 19.67 4.40
C GLY A 439 -2.02 19.84 3.34
N GLY A 440 -3.17 19.26 3.63
CA GLY A 440 -4.34 19.37 2.78
C GLY A 440 -4.69 18.08 2.05
N SER A 441 -3.70 17.23 1.86
CA SER A 441 -3.84 15.97 1.11
C SER A 441 -4.85 15.06 1.74
N GLY A 442 -4.72 14.91 3.04
CA GLY A 442 -5.59 14.08 3.85
C GLY A 442 -7.02 14.58 3.81
N ASP A 443 -7.20 15.90 3.84
CA ASP A 443 -8.52 16.48 3.84
C ASP A 443 -9.24 16.10 2.55
N VAL A 444 -8.53 16.12 1.42
CA VAL A 444 -9.15 15.70 0.16
C VAL A 444 -9.58 14.25 0.22
N LEU A 445 -8.73 13.36 0.73
CA LEU A 445 -9.08 11.95 0.74
C LEU A 445 -10.35 11.73 1.58
N THR A 446 -10.47 12.44 2.69
CA THR A 446 -11.67 12.35 3.53
C THR A 446 -12.98 12.58 2.76
N GLY A 447 -13.00 13.64 1.97
CA GLY A 447 -14.13 14.00 1.17
C GLY A 447 -14.39 12.93 0.13
N MET A 448 -13.36 12.46 -0.53
CA MET A 448 -13.48 11.35 -1.49
C MET A 448 -14.16 10.10 -0.92
N ILE A 449 -13.68 9.63 0.20
CA ILE A 449 -14.28 8.46 0.87
C ILE A 449 -15.75 8.71 1.17
N ALA A 450 -16.08 9.86 1.76
CA ALA A 450 -17.48 10.15 2.11
C ALA A 450 -18.32 10.16 0.88
N GLY A 451 -17.76 10.74 -0.19
CA GLY A 451 -18.47 10.87 -1.47
C GLY A 451 -18.83 9.51 -2.07
N PHE A 452 -17.90 8.60 -2.03
CA PHE A 452 -18.19 7.29 -2.58
C PHE A 452 -19.16 6.50 -1.72
N ILE A 453 -19.10 6.66 -0.41
CA ILE A 453 -20.12 6.06 0.44
C ILE A 453 -21.52 6.60 0.08
N ALA A 454 -21.63 7.90 -0.08
CA ALA A 454 -22.88 8.52 -0.44
C ALA A 454 -23.41 7.98 -1.79
N GLN A 455 -22.52 7.64 -2.70
CA GLN A 455 -22.88 7.04 -3.99
C GLN A 455 -23.28 5.57 -3.90
N GLY A 456 -23.12 4.95 -2.73
CA GLY A 456 -23.63 3.61 -2.49
C GLY A 456 -22.55 2.54 -2.34
N LEU A 457 -21.27 2.89 -2.33
CA LEU A 457 -20.25 1.88 -2.04
C LEU A 457 -20.22 1.65 -0.52
N SER A 458 -19.92 0.42 -0.12
CA SER A 458 -19.66 0.10 1.28
C SER A 458 -18.49 0.93 1.82
N PRO A 459 -18.42 1.14 3.14
CA PRO A 459 -17.23 1.81 3.70
C PRO A 459 -15.84 1.26 3.23
N LEU A 460 -15.69 -0.04 3.13
CA LEU A 460 -14.43 -0.64 2.71
C LEU A 460 -14.20 -0.37 1.22
N GLU A 461 -15.23 -0.59 0.41
CA GLU A 461 -15.14 -0.32 -1.03
C GLU A 461 -14.82 1.14 -1.31
N ALA A 462 -15.48 2.06 -0.59
CA ALA A 462 -15.26 3.47 -0.79
C ALA A 462 -13.83 3.88 -0.46
N SER A 463 -13.33 3.31 0.63
CA SER A 463 -11.96 3.55 1.08
C SER A 463 -10.94 2.98 0.06
N THR A 464 -11.24 1.81 -0.48
CA THR A 464 -10.34 1.14 -1.44
C THR A 464 -10.15 1.97 -2.75
N VAL A 465 -11.29 2.38 -3.32
CA VAL A 465 -11.31 3.19 -4.52
C VAL A 465 -10.67 4.55 -4.25
N SER A 466 -10.95 5.13 -3.08
CA SER A 466 -10.52 6.50 -2.81
C SER A 466 -9.00 6.58 -2.64
N VAL A 467 -8.40 5.64 -1.90
CA VAL A 467 -6.95 5.70 -1.69
C VAL A 467 -6.19 5.52 -3.00
N TYR A 468 -6.70 4.62 -3.85
CA TYR A 468 -6.09 4.39 -5.17
C TYR A 468 -6.15 5.64 -6.03
N LEU A 469 -7.35 6.21 -6.15
CA LEU A 469 -7.56 7.37 -7.05
C LEU A 469 -6.85 8.60 -6.58
N HIS A 470 -6.78 8.76 -5.26
CA HIS A 470 -6.10 9.90 -4.61
C HIS A 470 -4.61 9.88 -4.94
N GLY A 471 -4.00 8.69 -4.84
CA GLY A 471 -2.62 8.53 -5.20
C GLY A 471 -2.38 8.65 -6.69
N PHE A 472 -3.28 8.10 -7.47
CA PHE A 472 -3.13 8.14 -8.92
C PHE A 472 -3.22 9.60 -9.46
N ALA A 473 -4.22 10.35 -8.99
CA ALA A 473 -4.32 11.77 -9.31
C ALA A 473 -2.95 12.52 -9.07
N ALA A 474 -2.32 12.24 -7.93
CA ALA A 474 -0.99 12.81 -7.62
C ALA A 474 0.04 12.48 -8.69
N GLU A 475 0.04 11.25 -9.22
CA GLU A 475 1.01 10.84 -10.19
C GLU A 475 0.74 11.50 -11.55
N LEU A 476 -0.43 12.07 -11.71
CA LEU A 476 -0.76 12.69 -12.96
C LEU A 476 -0.35 14.15 -13.02
N PHE A 477 0.16 14.69 -11.92
CA PHE A 477 0.60 16.05 -11.89
C PHE A 477 1.68 16.19 -12.93
N GLU A 478 1.58 17.22 -13.71
CA GLU A 478 2.46 17.41 -14.83
C GLU A 478 3.85 17.96 -14.50
N GLN A 479 4.04 18.58 -13.37
CA GLN A 479 5.34 19.13 -13.05
C GLN A 479 6.02 18.35 -11.91
N ASP A 480 7.04 18.89 -11.26
CA ASP A 480 7.70 18.14 -10.20
C ASP A 480 6.77 17.92 -9.02
N GLU A 481 6.75 16.69 -8.54
CA GLU A 481 5.76 16.27 -7.53
C GLU A 481 5.89 17.10 -6.29
N ARG A 482 7.06 17.63 -5.99
CA ARG A 482 7.15 18.40 -4.74
C ARG A 482 6.36 19.69 -4.74
N GLY A 483 5.97 20.15 -5.93
CA GLY A 483 5.16 21.32 -6.10
C GLY A 483 3.69 21.07 -6.10
N LEU A 484 3.29 19.82 -6.02
CA LEU A 484 1.86 19.50 -5.94
C LEU A 484 1.24 20.03 -4.68
N THR A 485 0.09 20.67 -4.82
CA THR A 485 -0.71 21.09 -3.67
C THR A 485 -2.08 20.47 -3.80
N ALA A 486 -2.81 20.45 -2.67
CA ALA A 486 -4.16 19.86 -2.60
C ALA A 486 -5.16 20.42 -3.62
N SER A 487 -5.08 21.72 -3.91
CA SER A 487 -5.93 22.37 -4.88
C SER A 487 -5.69 21.78 -6.28
N GLU A 488 -4.43 21.50 -6.62
CA GLU A 488 -4.13 20.93 -7.92
C GLU A 488 -4.52 19.45 -7.90
N LEU A 489 -4.37 18.82 -6.74
CA LEU A 489 -4.78 17.44 -6.60
C LEU A 489 -6.25 17.29 -6.98
N LEU A 490 -7.09 18.21 -6.49
CA LEU A 490 -8.50 18.20 -6.81
C LEU A 490 -8.81 18.24 -8.30
N ARG A 491 -8.11 19.11 -9.01
CA ARG A 491 -8.26 19.31 -10.47
C ARG A 491 -7.92 18.01 -11.19
N LEU A 492 -7.02 17.20 -10.61
CA LEU A 492 -6.57 15.99 -11.23
C LEU A 492 -7.45 14.75 -11.00
N ILE A 493 -8.33 14.76 -10.00
CA ILE A 493 -9.14 13.64 -9.70
C ILE A 493 -9.99 13.17 -10.94
N PRO A 494 -10.70 14.08 -11.63
CA PRO A 494 -11.51 13.58 -12.76
C PRO A 494 -10.69 12.96 -13.93
N GLU A 495 -9.43 13.39 -14.11
CA GLU A 495 -8.53 12.75 -15.05
C GLU A 495 -8.09 11.33 -14.57
N ALA A 496 -7.82 11.18 -13.27
CA ALA A 496 -7.56 9.86 -12.70
C ALA A 496 -8.75 8.93 -12.96
N ILE A 497 -9.95 9.45 -12.74
CA ILE A 497 -11.14 8.67 -13.01
C ILE A 497 -11.22 8.28 -14.48
N ARG A 498 -11.07 9.24 -15.38
CA ARG A 498 -11.12 8.93 -16.82
C ARG A 498 -10.08 7.85 -17.16
N ARG A 499 -8.84 7.99 -16.65
CA ARG A 499 -7.78 7.06 -17.03
C ARG A 499 -8.02 5.66 -16.52
N LEU A 500 -8.76 5.54 -15.43
CA LEU A 500 -9.05 4.27 -14.81
C LEU A 500 -9.98 3.45 -15.67
N LYS A 501 -10.87 4.13 -16.40
CA LYS A 501 -11.87 3.44 -17.22
C LYS A 501 -11.36 2.97 -18.57
N ALA B 1 -0.66 -9.81 -22.85
CA ALA B 1 -0.29 -11.24 -22.58
C ALA B 1 0.34 -11.39 -21.15
N ALA B 2 -0.28 -12.19 -20.30
CA ALA B 2 -0.01 -12.16 -18.87
C ALA B 2 -0.06 -13.56 -18.27
N TRP B 3 0.22 -14.62 -19.05
CA TRP B 3 0.28 -15.97 -18.49
C TRP B 3 1.43 -16.11 -17.49
N LEU B 4 2.62 -15.58 -17.82
CA LEU B 4 3.80 -15.75 -16.99
C LEU B 4 3.95 -14.70 -15.86
N PHE B 5 3.80 -13.41 -16.20
CA PHE B 5 4.14 -12.28 -15.34
C PHE B 5 2.94 -11.40 -15.07
N GLU B 6 2.76 -11.05 -13.79
CA GLU B 6 1.95 -9.88 -13.35
C GLU B 6 2.93 -8.79 -12.84
N ALA B 7 2.60 -7.51 -13.09
CA ALA B 7 3.37 -6.34 -12.51
C ALA B 7 2.42 -5.46 -11.73
#